data_6NRG
#
_entry.id   6NRG
#
_cell.length_a   92.876
_cell.length_b   92.876
_cell.length_c   138.941
_cell.angle_alpha   90.000
_cell.angle_beta   90.000
_cell.angle_gamma   90.000
#
_symmetry.space_group_name_H-M   'I 41 2 2'
#
loop_
_entity.id
_entity.type
_entity.pdbx_description
1 polymer 'Poly [ADP-ribose] polymerase 1'
2 non-polymer 2-{[3-fluoro-4-(1H-tetrazol-5-yl)phenyl]methyl}-3-hydroxy-1-benzofuran-7-carboxamide
3 non-polymer 'SULFATE ION'
4 non-polymer 'DIMETHYL SULFOXIDE'
5 water water
#
_entity_poly.entity_id   1
_entity_poly.type   'polypeptide(L)'
_entity_poly.pdbx_seq_one_letter_code
;MGSSHHHHHHSSGLVPRGSHMTKSKLPKPVQDLIKMIFGSGSGSGGDPIDVNYEKLKTDIKVVDRDSEEAEIIRKYVKNT
HATTHNAYDLEVIDIFKIEREGECQRYKPFKQLHNRRLLWHGSRTTNFAGILSQGLRIAPPEAPVTGYMFGKGIYFADMV
SKSANYCHTSQGDPIGLILLGEVALGNMYELKHASHISKLPKGKHSVKGLGKTTPDPSANISLDGVDVPLGTGISSGVND
TSLLYNEYIVYDIAQVNLKYLLKLKFNFKTS
;
_entity_poly.pdbx_strand_id   A
#
# COMPACT_ATOMS: atom_id res chain seq x y z
N LYS A 23 -16.40 -20.85 19.31
CA LYS A 23 -16.77 -19.41 19.10
C LYS A 23 -15.49 -18.56 19.19
N SER A 24 -15.43 -17.53 18.34
CA SER A 24 -14.27 -16.65 18.25
C SER A 24 -14.28 -15.59 19.37
N LYS A 25 -13.09 -15.22 19.87
CA LYS A 25 -12.94 -14.12 20.85
C LYS A 25 -12.40 -12.85 20.19
N LEU A 26 -12.38 -12.79 18.85
CA LEU A 26 -11.95 -11.63 18.15
C LEU A 26 -13.15 -10.69 18.00
N PRO A 27 -12.87 -9.38 17.91
CA PRO A 27 -13.90 -8.39 17.61
C PRO A 27 -14.55 -8.71 16.26
N LYS A 28 -15.84 -8.40 16.14
CA LYS A 28 -16.59 -8.79 14.96
C LYS A 28 -15.96 -8.28 13.67
N PRO A 29 -15.49 -7.01 13.54
CA PRO A 29 -14.86 -6.61 12.28
C PRO A 29 -13.65 -7.47 11.87
N VAL A 30 -12.85 -7.93 12.86
CA VAL A 30 -11.72 -8.80 12.60
C VAL A 30 -12.23 -10.18 12.15
N GLN A 31 -13.24 -10.71 12.84
CA GLN A 31 -13.87 -11.98 12.43
C GLN A 31 -14.25 -11.90 10.94
N ASP A 32 -14.89 -10.77 10.56
CA ASP A 32 -15.41 -10.61 9.18
C ASP A 32 -14.24 -10.49 8.19
N LEU A 33 -13.14 -9.82 8.58
CA LEU A 33 -11.95 -9.74 7.79
C LEU A 33 -11.38 -11.14 7.53
N ILE A 34 -11.32 -11.97 8.58
CA ILE A 34 -10.75 -13.32 8.47
C ILE A 34 -11.60 -14.16 7.53
N LYS A 35 -12.93 -14.02 7.63
CA LYS A 35 -13.84 -14.76 6.75
C LYS A 35 -13.57 -14.37 5.29
N MET A 36 -13.31 -13.08 5.04
CA MET A 36 -13.07 -12.57 3.70
CA MET A 36 -13.07 -12.57 3.69
C MET A 36 -11.75 -13.12 3.16
N ILE A 37 -10.69 -13.05 3.98
CA ILE A 37 -9.34 -13.48 3.59
C ILE A 37 -9.31 -14.99 3.30
N PHE A 38 -10.01 -15.81 4.10
CA PHE A 38 -9.89 -17.28 4.01
C PHE A 38 -11.05 -17.88 3.21
N GLY A 39 -11.97 -17.04 2.71
CA GLY A 39 -13.03 -17.48 1.78
C GLY A 39 -14.37 -17.66 2.48
N ASP A 47 -11.32 -24.64 9.06
CA ASP A 47 -10.68 -24.29 10.32
C ASP A 47 -11.48 -23.20 11.03
N PRO A 48 -11.47 -23.16 12.37
CA PRO A 48 -12.15 -22.09 13.10
C PRO A 48 -11.51 -20.72 12.81
N ILE A 49 -12.32 -19.67 12.95
CA ILE A 49 -11.90 -18.28 12.71
C ILE A 49 -10.60 -17.98 13.47
N ASP A 50 -10.51 -18.37 14.75
CA ASP A 50 -9.36 -17.95 15.55
C ASP A 50 -8.13 -18.76 15.14
N VAL A 51 -8.31 -20.00 14.68
CA VAL A 51 -7.19 -20.77 14.13
C VAL A 51 -6.67 -20.11 12.83
N ASN A 52 -7.58 -19.68 11.93
CA ASN A 52 -7.17 -18.98 10.70
C ASN A 52 -6.45 -17.65 11.04
N TYR A 53 -6.93 -16.93 12.06
CA TYR A 53 -6.30 -15.68 12.49
C TYR A 53 -4.83 -15.97 12.83
N GLU A 54 -4.55 -17.04 13.58
CA GLU A 54 -3.21 -17.33 14.07
C GLU A 54 -2.26 -17.64 12.90
N LYS A 55 -2.79 -18.21 11.81
CA LYS A 55 -1.98 -18.49 10.60
C LYS A 55 -1.41 -17.22 9.98
N LEU A 56 -2.03 -16.05 10.23
CA LEU A 56 -1.58 -14.83 9.62
C LEU A 56 -0.34 -14.27 10.34
N LYS A 57 -0.06 -14.72 11.57
CA LYS A 57 1.13 -14.28 12.33
C LYS A 57 1.21 -12.75 12.38
N THR A 58 0.04 -12.12 12.55
CA THR A 58 -0.14 -10.66 12.49
C THR A 58 -1.12 -10.21 13.58
N ASP A 59 -0.72 -9.21 14.36
CA ASP A 59 -1.63 -8.58 15.30
C ASP A 59 -2.53 -7.62 14.54
N ILE A 60 -3.85 -7.74 14.70
CA ILE A 60 -4.81 -6.96 13.95
C ILE A 60 -5.70 -6.22 14.95
N LYS A 61 -5.71 -4.88 14.87
CA LYS A 61 -6.51 -4.06 15.76
CA LYS A 61 -6.48 -4.05 15.77
C LYS A 61 -7.44 -3.17 14.94
N VAL A 62 -8.69 -3.08 15.39
CA VAL A 62 -9.64 -2.13 14.77
C VAL A 62 -9.28 -0.71 15.18
N VAL A 63 -9.16 0.19 14.20
CA VAL A 63 -8.95 1.60 14.46
C VAL A 63 -10.31 2.26 14.72
N ASP A 64 -10.37 3.00 15.82
CA ASP A 64 -11.53 3.83 16.24
C ASP A 64 -11.85 4.82 15.12
N ARG A 65 -13.11 4.84 14.69
CA ARG A 65 -13.56 5.75 13.64
C ARG A 65 -13.28 7.22 14.04
N ASP A 66 -13.31 7.55 15.33
CA ASP A 66 -13.29 8.94 15.80
C ASP A 66 -11.85 9.46 15.99
N SER A 67 -10.83 8.64 15.68
CA SER A 67 -9.47 8.90 16.06
C SER A 67 -8.82 9.81 15.01
N GLU A 68 -7.70 10.44 15.41
CA GLU A 68 -6.81 11.20 14.51
C GLU A 68 -6.36 10.32 13.33
N GLU A 69 -5.87 9.11 13.61
CA GLU A 69 -5.45 8.15 12.58
C GLU A 69 -6.54 7.90 11.54
N ALA A 70 -7.77 7.59 11.98
CA ALA A 70 -8.85 7.32 11.04
C ALA A 70 -9.17 8.55 10.17
N GLU A 71 -9.17 9.75 10.77
CA GLU A 71 -9.45 11.01 10.05
C GLU A 71 -8.42 11.22 8.92
N ILE A 72 -7.13 11.00 9.24
CA ILE A 72 -6.03 11.13 8.28
C ILE A 72 -6.21 10.15 7.12
N ILE A 73 -6.48 8.87 7.45
CA ILE A 73 -6.60 7.84 6.46
C ILE A 73 -7.83 8.11 5.56
N ARG A 74 -8.97 8.49 6.14
CA ARG A 74 -10.15 8.84 5.32
C ARG A 74 -9.81 9.99 4.36
N LYS A 75 -9.08 11.00 4.85
CA LYS A 75 -8.71 12.18 4.00
C LYS A 75 -7.80 11.72 2.85
N TYR A 76 -6.88 10.81 3.15
CA TYR A 76 -5.94 10.28 2.14
C TYR A 76 -6.73 9.58 1.02
N VAL A 77 -7.73 8.79 1.42
CA VAL A 77 -8.61 8.12 0.44
C VAL A 77 -9.40 9.16 -0.37
N LYS A 78 -10.02 10.13 0.31
CA LYS A 78 -10.86 11.11 -0.35
C LYS A 78 -10.03 11.94 -1.34
N ASN A 79 -8.83 12.39 -0.93
CA ASN A 79 -8.12 13.43 -1.70
C ASN A 79 -7.33 12.87 -2.89
N THR A 80 -6.94 11.58 -2.84
CA THR A 80 -5.98 11.05 -3.82
C THR A 80 -6.63 10.03 -4.78
N HIS A 81 -7.94 10.10 -4.93
CA HIS A 81 -8.61 9.35 -5.99
C HIS A 81 -8.42 10.08 -7.32
N ALA A 82 -7.81 9.40 -8.29
CA ALA A 82 -7.41 10.02 -9.58
C ALA A 82 -8.62 10.32 -10.45
N THR A 83 -8.58 11.46 -11.18
CA THR A 83 -9.73 11.86 -12.01
C THR A 83 -9.98 10.86 -13.14
N THR A 84 -8.94 10.14 -13.59
CA THR A 84 -9.06 9.19 -14.71
C THR A 84 -9.55 7.81 -14.23
N HIS A 85 -9.63 7.56 -12.92
CA HIS A 85 -10.16 6.30 -12.37
C HIS A 85 -11.62 6.52 -11.98
N ASN A 86 -12.45 6.89 -12.97
CA ASN A 86 -13.79 7.35 -12.71
C ASN A 86 -14.84 6.22 -12.88
N ALA A 87 -14.42 4.95 -13.01
CA ALA A 87 -15.40 3.82 -13.08
C ALA A 87 -16.08 3.57 -11.71
N TYR A 88 -15.47 4.05 -10.61
CA TYR A 88 -16.01 3.80 -9.27
C TYR A 88 -15.63 4.92 -8.29
N ASP A 89 -16.30 4.96 -7.14
CA ASP A 89 -15.77 5.69 -6.01
C ASP A 89 -15.63 4.72 -4.84
N LEU A 90 -14.91 5.15 -3.81
CA LEU A 90 -14.49 4.30 -2.71
C LEU A 90 -15.17 4.76 -1.41
N GLU A 91 -15.63 3.78 -0.64
CA GLU A 91 -16.13 3.97 0.69
C GLU A 91 -15.30 3.08 1.62
N VAL A 92 -14.72 3.68 2.67
CA VAL A 92 -13.99 2.92 3.69
C VAL A 92 -15.00 2.27 4.64
N ILE A 93 -14.98 0.93 4.74
CA ILE A 93 -15.83 0.18 5.65
C ILE A 93 -15.16 0.02 7.02
N ASP A 94 -13.92 -0.47 7.04
CA ASP A 94 -13.18 -0.70 8.29
C ASP A 94 -11.72 -0.35 8.03
N ILE A 95 -11.06 0.19 9.07
CA ILE A 95 -9.63 0.42 9.09
C ILE A 95 -9.03 -0.43 10.20
N PHE A 96 -8.00 -1.23 9.87
CA PHE A 96 -7.27 -2.03 10.84
C PHE A 96 -5.82 -1.54 10.93
N LYS A 97 -5.25 -1.58 12.14
CA LYS A 97 -3.82 -1.39 12.32
C LYS A 97 -3.19 -2.77 12.48
N ILE A 98 -2.06 -3.00 11.77
CA ILE A 98 -1.45 -4.32 11.71
C ILE A 98 0.01 -4.29 12.13
N GLU A 99 0.44 -5.38 12.78
CA GLU A 99 1.83 -5.55 13.21
C GLU A 99 2.20 -7.00 12.94
N ARG A 100 2.98 -7.23 11.88
CA ARG A 100 3.41 -8.61 11.59
C ARG A 100 4.44 -9.08 12.62
N GLU A 101 4.38 -10.37 12.97
CA GLU A 101 5.41 -11.00 13.78
C GLU A 101 6.78 -10.78 13.12
N GLY A 102 7.75 -10.27 13.91
CA GLY A 102 9.13 -10.08 13.43
C GLY A 102 9.41 -8.74 12.80
N GLU A 103 8.36 -7.96 12.55
CA GLU A 103 8.49 -6.74 11.79
C GLU A 103 9.39 -5.75 12.53
N CYS A 104 9.25 -5.67 13.85
CA CYS A 104 9.98 -4.66 14.63
C CYS A 104 11.49 -4.82 14.38
N GLN A 105 12.00 -6.05 14.54
CA GLN A 105 13.43 -6.33 14.30
C GLN A 105 13.81 -6.22 12.81
N ARG A 106 12.95 -6.66 11.89
CA ARG A 106 13.33 -6.70 10.49
C ARG A 106 13.48 -5.28 9.94
N TYR A 107 12.56 -4.39 10.36
CA TYR A 107 12.52 -3.02 9.86
C TYR A 107 13.56 -2.10 10.55
N LYS A 108 14.11 -2.50 11.70
CA LYS A 108 14.88 -1.62 12.58
C LYS A 108 16.01 -0.92 11.80
N PRO A 109 16.78 -1.59 10.91
CA PRO A 109 17.85 -0.93 10.18
C PRO A 109 17.34 0.22 9.30
N PHE A 110 16.08 0.17 8.88
CA PHE A 110 15.54 1.16 7.95
C PHE A 110 14.70 2.21 8.69
N LYS A 111 14.36 1.94 9.96
CA LYS A 111 13.42 2.82 10.68
CA LYS A 111 13.47 2.78 10.79
C LYS A 111 14.05 4.20 10.89
N GLN A 112 15.38 4.32 10.81
CA GLN A 112 16.08 5.59 11.01
CA GLN A 112 16.09 5.58 11.01
C GLN A 112 16.50 6.22 9.66
N LEU A 113 16.18 5.59 8.53
CA LEU A 113 16.47 6.20 7.21
C LEU A 113 15.53 7.40 7.02
N HIS A 114 16.01 8.44 6.34
CA HIS A 114 15.18 9.59 5.97
C HIS A 114 14.20 9.20 4.85
N ASN A 115 13.16 10.04 4.70
CA ASN A 115 12.18 9.92 3.62
C ASN A 115 11.41 8.59 3.75
N ARG A 116 10.70 8.45 4.87
CA ARG A 116 9.80 7.32 5.08
C ARG A 116 8.37 7.83 4.84
N ARG A 117 7.62 7.13 3.97
CA ARG A 117 6.36 7.65 3.46
C ARG A 117 5.29 6.57 3.61
N LEU A 118 4.05 6.99 3.87
CA LEU A 118 2.93 6.09 3.99
C LEU A 118 2.24 5.97 2.64
N LEU A 119 2.32 4.78 2.04
CA LEU A 119 1.96 4.56 0.65
C LEU A 119 1.01 3.37 0.51
N TRP A 120 0.24 3.39 -0.57
CA TRP A 120 -0.77 2.36 -0.90
C TRP A 120 -0.17 1.13 -1.59
N HIS A 121 -0.76 -0.04 -1.30
CA HIS A 121 -0.53 -1.28 -2.06
C HIS A 121 -1.84 -2.07 -2.14
N GLY A 122 -2.34 -2.27 -3.38
CA GLY A 122 -3.51 -3.08 -3.64
C GLY A 122 -3.15 -4.45 -4.17
N SER A 123 -4.03 -5.45 -3.91
CA SER A 123 -3.87 -6.80 -4.36
C SER A 123 -5.23 -7.50 -4.32
N ARG A 124 -5.37 -8.58 -5.09
CA ARG A 124 -6.54 -9.43 -5.02
C ARG A 124 -6.69 -9.99 -3.60
N THR A 125 -7.94 -10.14 -3.17
CA THR A 125 -8.26 -10.61 -1.82
C THR A 125 -7.59 -11.97 -1.56
N THR A 126 -7.56 -12.85 -2.57
CA THR A 126 -7.00 -14.20 -2.46
C THR A 126 -5.49 -14.20 -2.12
N ASN A 127 -4.82 -13.06 -2.27
CA ASN A 127 -3.38 -12.95 -1.96
C ASN A 127 -3.11 -12.56 -0.49
N PHE A 128 -4.13 -12.11 0.25
CA PHE A 128 -3.85 -11.45 1.56
C PHE A 128 -3.41 -12.44 2.65
N ALA A 129 -3.83 -13.72 2.63
CA ALA A 129 -3.32 -14.68 3.63
C ALA A 129 -1.80 -14.81 3.51
N GLY A 130 -1.30 -14.87 2.26
CA GLY A 130 0.13 -14.91 1.98
C GLY A 130 0.83 -13.61 2.31
N ILE A 131 0.23 -12.46 1.95
CA ILE A 131 0.83 -11.16 2.21
C ILE A 131 1.02 -10.94 3.71
N LEU A 132 0.01 -11.25 4.53
CA LEU A 132 0.12 -10.97 5.96
C LEU A 132 1.12 -11.94 6.62
N SER A 133 1.07 -13.21 6.25
CA SER A 133 1.95 -14.19 6.90
C SER A 133 3.40 -13.99 6.47
N GLN A 134 3.66 -13.71 5.18
CA GLN A 134 5.03 -13.71 4.65
C GLN A 134 5.54 -12.28 4.39
N GLY A 135 4.64 -11.30 4.44
CA GLY A 135 4.87 -9.93 4.02
C GLY A 135 4.85 -9.84 2.50
N LEU A 136 4.98 -8.61 1.99
CA LEU A 136 5.12 -8.37 0.54
C LEU A 136 6.47 -8.93 0.12
N ARG A 137 6.45 -9.60 -1.03
CA ARG A 137 7.61 -10.30 -1.56
C ARG A 137 7.81 -9.84 -3.00
N ILE A 138 9.05 -9.99 -3.47
CA ILE A 138 9.36 -9.71 -4.85
C ILE A 138 8.91 -10.90 -5.70
N ALA A 139 8.30 -10.64 -6.86
CA ALA A 139 7.94 -11.68 -7.86
C ALA A 139 9.18 -12.51 -8.16
N PRO A 140 9.06 -13.85 -8.26
CA PRO A 140 10.22 -14.70 -8.52
C PRO A 140 10.68 -14.60 -9.97
N PRO A 141 11.91 -15.07 -10.28
CA PRO A 141 12.45 -15.04 -11.64
C PRO A 141 11.53 -15.60 -12.74
N GLU A 142 10.68 -16.58 -12.40
CA GLU A 142 9.88 -17.29 -13.40
C GLU A 142 8.61 -16.50 -13.77
N ALA A 143 8.20 -15.53 -12.96
CA ALA A 143 7.02 -14.70 -13.24
C ALA A 143 7.36 -13.71 -14.36
N PRO A 144 6.39 -13.28 -15.21
CA PRO A 144 6.68 -12.29 -16.25
C PRO A 144 7.01 -10.92 -15.64
N VAL A 145 7.81 -10.13 -16.36
CA VAL A 145 8.19 -8.76 -15.95
C VAL A 145 7.16 -7.76 -16.50
N THR A 146 6.20 -8.26 -17.28
CA THR A 146 5.15 -7.41 -17.80
CA THR A 146 5.09 -7.48 -17.80
C THR A 146 4.30 -6.91 -16.61
N GLY A 147 3.98 -5.63 -16.68
CA GLY A 147 3.32 -4.98 -15.57
C GLY A 147 4.28 -4.33 -14.58
N TYR A 148 5.60 -4.55 -14.71
CA TYR A 148 6.59 -3.97 -13.79
C TYR A 148 7.57 -3.03 -14.51
N MET A 149 7.31 -1.72 -14.49
CA MET A 149 8.09 -0.91 -15.43
CA MET A 149 8.04 -0.71 -15.29
C MET A 149 9.52 -0.70 -14.93
N PHE A 150 9.82 -1.01 -13.66
CA PHE A 150 11.15 -0.81 -13.12
C PHE A 150 11.73 -2.13 -12.63
N GLY A 151 11.23 -3.21 -13.21
CA GLY A 151 11.67 -4.57 -12.88
C GLY A 151 11.01 -5.06 -11.61
N LYS A 152 11.37 -6.28 -11.24
CA LYS A 152 10.69 -6.93 -10.12
C LYS A 152 11.14 -6.26 -8.81
N GLY A 153 10.16 -5.81 -8.05
CA GLY A 153 10.38 -5.17 -6.78
C GLY A 153 9.06 -5.12 -6.07
N ILE A 154 8.97 -4.29 -5.03
CA ILE A 154 7.70 -4.09 -4.33
CA ILE A 154 7.71 -4.08 -4.30
C ILE A 154 7.20 -2.68 -4.66
N TYR A 155 5.99 -2.60 -5.22
CA TYR A 155 5.45 -1.38 -5.83
C TYR A 155 4.37 -0.75 -4.97
N PHE A 156 4.39 0.58 -4.87
CA PHE A 156 3.42 1.35 -4.09
C PHE A 156 2.96 2.56 -4.90
N ALA A 157 1.81 3.13 -4.54
CA ALA A 157 1.29 4.38 -5.15
C ALA A 157 1.05 5.41 -4.05
N ASP A 158 1.00 6.69 -4.44
CA ASP A 158 0.55 7.77 -3.55
C ASP A 158 -0.86 8.25 -3.91
N MET A 159 -1.47 7.62 -4.93
CA MET A 159 -2.84 7.84 -5.27
C MET A 159 -3.63 6.56 -5.00
N VAL A 160 -4.63 6.66 -4.11
CA VAL A 160 -5.36 5.49 -3.66
C VAL A 160 -5.90 4.67 -4.84
N SER A 161 -6.45 5.33 -5.86
CA SER A 161 -7.16 4.60 -6.91
C SER A 161 -6.17 3.80 -7.79
N LYS A 162 -4.92 4.29 -7.94
CA LYS A 162 -3.93 3.59 -8.72
C LYS A 162 -3.71 2.20 -8.10
N SER A 163 -3.59 2.14 -6.76
CA SER A 163 -3.44 0.88 -6.04
C SER A 163 -4.77 0.09 -6.00
N ALA A 164 -5.90 0.79 -5.82
CA ALA A 164 -7.24 0.13 -5.69
C ALA A 164 -7.58 -0.65 -6.94
N ASN A 165 -7.07 -0.18 -8.09
CA ASN A 165 -7.26 -0.84 -9.37
C ASN A 165 -6.72 -2.28 -9.33
N TYR A 166 -5.70 -2.56 -8.51
CA TYR A 166 -5.11 -3.90 -8.42
C TYR A 166 -5.93 -4.84 -7.52
N CYS A 167 -7.02 -4.35 -6.91
CA CYS A 167 -7.87 -5.23 -6.10
C CYS A 167 -8.72 -6.14 -7.00
N HIS A 168 -8.93 -5.71 -8.25
CA HIS A 168 -9.71 -6.41 -9.29
C HIS A 168 -11.11 -6.79 -8.78
N THR A 169 -11.77 -5.80 -8.15
CA THR A 169 -13.16 -5.90 -7.76
C THR A 169 -14.07 -5.65 -8.98
N SER A 170 -15.36 -5.94 -8.81
CA SER A 170 -16.40 -5.77 -9.85
C SER A 170 -17.75 -5.48 -9.18
N GLN A 171 -18.78 -5.22 -9.98
CA GLN A 171 -20.13 -5.01 -9.46
C GLN A 171 -20.57 -6.25 -8.68
N GLY A 172 -20.28 -7.44 -9.23
CA GLY A 172 -20.67 -8.70 -8.63
C GLY A 172 -19.89 -9.02 -7.37
N ASP A 173 -18.75 -8.36 -7.18
CA ASP A 173 -17.76 -8.65 -6.14
C ASP A 173 -17.08 -7.35 -5.70
N PRO A 174 -17.82 -6.43 -5.04
CA PRO A 174 -17.38 -5.04 -4.90
C PRO A 174 -16.57 -4.66 -3.65
N ILE A 175 -16.23 -5.66 -2.82
CA ILE A 175 -15.47 -5.40 -1.60
C ILE A 175 -14.02 -5.81 -1.85
N GLY A 176 -13.09 -4.92 -1.55
CA GLY A 176 -11.67 -5.21 -1.70
C GLY A 176 -10.87 -4.84 -0.46
N LEU A 177 -9.60 -5.26 -0.45
CA LEU A 177 -8.64 -4.94 0.62
C LEU A 177 -7.46 -4.17 0.03
N ILE A 178 -7.00 -3.18 0.79
CA ILE A 178 -5.85 -2.39 0.40
C ILE A 178 -4.96 -2.17 1.63
N LEU A 179 -3.66 -2.03 1.40
CA LEU A 179 -2.71 -1.79 2.46
C LEU A 179 -2.15 -0.37 2.43
N LEU A 180 -1.81 0.12 3.63
CA LEU A 180 -0.89 1.24 3.80
C LEU A 180 0.40 0.70 4.45
N GLY A 181 1.51 0.98 3.80
CA GLY A 181 2.82 0.65 4.36
C GLY A 181 3.62 1.90 4.57
N GLU A 182 4.41 1.90 5.65
CA GLU A 182 5.49 2.83 5.82
C GLU A 182 6.64 2.25 4.99
N VAL A 183 7.12 3.01 4.02
CA VAL A 183 8.16 2.56 3.11
C VAL A 183 9.39 3.44 3.32
N ALA A 184 10.54 2.83 3.60
CA ALA A 184 11.78 3.56 3.83
C ALA A 184 12.45 3.81 2.47
N LEU A 185 12.16 4.97 1.87
CA LEU A 185 12.58 5.28 0.52
C LEU A 185 14.00 5.87 0.45
N GLY A 186 14.43 6.61 1.50
CA GLY A 186 15.73 7.23 1.51
C GLY A 186 15.95 8.08 0.27
N ASN A 187 17.11 7.91 -0.37
CA ASN A 187 17.43 8.69 -1.58
C ASN A 187 16.79 7.97 -2.77
N MET A 188 15.86 8.65 -3.45
CA MET A 188 15.13 8.03 -4.56
C MET A 188 15.84 8.24 -5.91
N TYR A 189 15.97 7.16 -6.68
CA TYR A 189 16.39 7.17 -8.06
C TYR A 189 15.16 7.46 -8.92
N GLU A 190 15.06 8.70 -9.43
CA GLU A 190 13.80 9.20 -10.02
C GLU A 190 13.81 9.00 -11.53
N LEU A 191 12.87 8.18 -12.04
CA LEU A 191 12.86 7.84 -13.46
C LEU A 191 11.48 8.10 -14.08
N LYS A 192 11.49 8.25 -15.42
CA LYS A 192 10.31 8.67 -16.18
C LYS A 192 9.89 7.66 -17.25
N HIS A 193 10.74 6.69 -17.54
CA HIS A 193 10.49 5.70 -18.59
C HIS A 193 10.99 4.37 -18.08
N ALA A 194 10.38 3.30 -18.59
CA ALA A 194 10.63 1.96 -18.11
C ALA A 194 12.12 1.64 -18.24
N SER A 195 12.64 1.00 -17.20
CA SER A 195 14.04 0.69 -17.12
C SER A 195 14.21 -0.42 -16.08
N HIS A 196 14.66 -1.59 -16.52
CA HIS A 196 14.80 -2.69 -15.57
C HIS A 196 16.21 -2.66 -14.98
N ILE A 197 16.40 -1.88 -13.92
CA ILE A 197 17.76 -1.49 -13.50
C ILE A 197 18.44 -2.70 -12.83
N SER A 198 19.73 -2.90 -13.13
CA SER A 198 20.49 -4.06 -12.65
C SER A 198 20.92 -3.86 -11.18
N LYS A 199 21.01 -2.60 -10.73
CA LYS A 199 21.50 -2.25 -9.39
C LYS A 199 21.08 -0.81 -9.11
N LEU A 200 20.87 -0.45 -7.84
CA LEU A 200 20.64 0.93 -7.50
C LEU A 200 21.98 1.65 -7.57
N PRO A 201 22.00 2.89 -8.09
CA PRO A 201 23.19 3.71 -8.02
C PRO A 201 23.64 3.97 -6.58
N LYS A 202 24.92 4.34 -6.45
CA LYS A 202 25.57 4.60 -5.18
C LYS A 202 24.77 5.64 -4.38
N GLY A 203 24.43 5.29 -3.14
CA GLY A 203 23.67 6.16 -2.24
C GLY A 203 22.17 6.15 -2.43
N LYS A 204 21.64 5.43 -3.43
CA LYS A 204 20.20 5.40 -3.66
C LYS A 204 19.60 4.16 -2.98
N HIS A 205 18.38 4.35 -2.45
CA HIS A 205 17.69 3.29 -1.67
C HIS A 205 16.43 2.75 -2.36
N SER A 206 15.90 3.45 -3.37
CA SER A 206 14.62 3.16 -3.94
C SER A 206 14.51 3.81 -5.31
N VAL A 207 13.47 3.41 -6.07
CA VAL A 207 13.12 4.09 -7.35
C VAL A 207 11.78 4.80 -7.14
N LYS A 208 11.68 5.99 -7.72
CA LYS A 208 10.41 6.67 -7.85
C LYS A 208 10.15 6.95 -9.33
N GLY A 209 9.02 6.44 -9.84
CA GLY A 209 8.57 6.79 -11.16
C GLY A 209 7.79 8.08 -11.10
N LEU A 210 8.17 9.09 -11.91
CA LEU A 210 7.51 10.42 -11.85
C LEU A 210 6.30 10.49 -12.79
N GLY A 211 5.13 10.74 -12.22
CA GLY A 211 3.90 10.91 -12.95
C GLY A 211 3.64 12.37 -13.32
N LYS A 212 2.65 12.53 -14.22
CA LYS A 212 2.11 13.84 -14.62
C LYS A 212 1.29 14.50 -13.50
N THR A 213 0.72 13.70 -12.58
CA THR A 213 -0.10 14.17 -11.49
C THR A 213 0.51 13.70 -10.16
N THR A 214 0.49 14.61 -9.17
CA THR A 214 1.03 14.35 -7.83
C THR A 214 0.04 14.85 -6.78
N PRO A 215 -0.09 14.20 -5.62
CA PRO A 215 -0.72 14.85 -4.46
C PRO A 215 0.05 16.15 -4.20
N ASP A 216 -0.66 17.22 -3.87
CA ASP A 216 -0.04 18.52 -3.66
C ASP A 216 0.96 18.43 -2.51
N PRO A 217 2.28 18.63 -2.72
CA PRO A 217 3.26 18.42 -1.66
C PRO A 217 3.11 19.40 -0.48
N SER A 218 2.53 20.58 -0.73
CA SER A 218 2.29 21.54 0.34
C SER A 218 1.39 20.95 1.42
N ALA A 219 0.64 19.89 1.11
CA ALA A 219 -0.37 19.34 2.01
C ALA A 219 0.14 18.13 2.80
N ASN A 220 1.39 17.71 2.57
CA ASN A 220 1.96 16.57 3.33
C ASN A 220 1.81 16.85 4.83
N ILE A 221 1.45 15.81 5.59
CA ILE A 221 1.44 15.84 7.05
C ILE A 221 2.27 14.66 7.56
N SER A 222 2.52 14.68 8.87
CA SER A 222 3.31 13.66 9.56
C SER A 222 2.38 12.84 10.45
N LEU A 223 2.41 11.50 10.31
CA LEU A 223 1.68 10.60 11.17
C LEU A 223 2.70 9.67 11.84
N ASP A 224 2.94 9.89 13.14
CA ASP A 224 3.87 9.04 13.89
C ASP A 224 5.25 9.05 13.23
N GLY A 225 5.68 10.21 12.76
CA GLY A 225 7.03 10.38 12.18
C GLY A 225 7.13 9.97 10.72
N VAL A 226 6.02 9.55 10.10
CA VAL A 226 5.99 9.11 8.69
C VAL A 226 5.22 10.15 7.86
N ASP A 227 5.74 10.49 6.69
CA ASP A 227 5.11 11.48 5.81
C ASP A 227 3.88 10.86 5.12
N VAL A 228 2.78 11.61 5.11
CA VAL A 228 1.57 11.16 4.45
C VAL A 228 1.21 12.14 3.35
N PRO A 229 1.31 11.74 2.08
CA PRO A 229 1.02 12.66 0.97
C PRO A 229 -0.47 12.70 0.57
N LEU A 230 -1.29 13.31 1.43
CA LEU A 230 -2.75 13.23 1.28
C LEU A 230 -3.30 14.49 0.59
N GLY A 231 -2.43 15.28 -0.05
CA GLY A 231 -2.87 16.44 -0.87
C GLY A 231 -3.75 16.01 -2.04
N THR A 232 -4.67 16.87 -2.49
CA THR A 232 -5.42 16.58 -3.72
C THR A 232 -4.45 16.58 -4.90
N GLY A 233 -4.78 15.77 -5.91
CA GLY A 233 -3.97 15.63 -7.09
C GLY A 233 -3.86 16.92 -7.86
N ILE A 234 -2.61 17.29 -8.23
CA ILE A 234 -2.33 18.45 -9.05
C ILE A 234 -1.33 18.07 -10.13
N SER A 235 -1.21 18.91 -11.15
CA SER A 235 -0.18 18.76 -12.17
C SER A 235 1.19 18.82 -11.48
N SER A 236 2.05 17.83 -11.77
CA SER A 236 3.40 17.77 -11.24
C SER A 236 4.35 18.71 -11.99
N GLY A 237 3.99 19.10 -13.21
CA GLY A 237 4.84 19.85 -14.08
C GLY A 237 5.97 19.03 -14.70
N VAL A 238 5.93 17.72 -14.54
CA VAL A 238 6.87 16.84 -15.21
C VAL A 238 6.40 16.61 -16.64
N ASN A 239 7.31 16.80 -17.59
CA ASN A 239 7.05 16.50 -19.01
C ASN A 239 7.97 15.36 -19.44
N ASP A 240 7.62 14.70 -20.54
CA ASP A 240 8.41 13.61 -21.14
C ASP A 240 8.48 12.44 -20.14
N THR A 241 7.31 11.94 -19.72
CA THR A 241 7.21 10.78 -18.83
C THR A 241 6.13 9.84 -19.37
N SER A 242 6.32 8.55 -19.08
CA SER A 242 5.41 7.50 -19.45
C SER A 242 4.28 7.30 -18.41
N LEU A 243 4.31 8.00 -17.27
CA LEU A 243 3.39 7.71 -16.16
C LEU A 243 2.38 8.84 -15.94
N LEU A 244 1.11 8.49 -15.76
CA LEU A 244 0.08 9.47 -15.35
C LEU A 244 0.26 9.84 -13.87
N TYR A 245 0.67 8.87 -13.03
CA TYR A 245 0.76 9.00 -11.57
C TYR A 245 2.10 8.42 -11.10
N ASN A 246 2.58 8.92 -9.97
CA ASN A 246 3.81 8.42 -9.33
C ASN A 246 3.70 6.91 -9.02
N GLU A 247 4.86 6.26 -8.91
CA GLU A 247 4.96 4.97 -8.22
C GLU A 247 6.31 4.87 -7.53
N TYR A 248 6.39 3.98 -6.52
CA TYR A 248 7.54 3.87 -5.66
C TYR A 248 7.91 2.40 -5.57
N ILE A 249 9.19 2.08 -5.73
CA ILE A 249 9.69 0.70 -5.77
C ILE A 249 10.84 0.54 -4.79
N VAL A 250 10.76 -0.52 -3.97
CA VAL A 250 11.93 -0.92 -3.19
C VAL A 250 12.29 -2.35 -3.59
N TYR A 251 13.57 -2.71 -3.42
CA TYR A 251 14.10 -3.98 -3.90
C TYR A 251 14.58 -4.87 -2.74
N ASP A 252 14.35 -4.44 -1.49
CA ASP A 252 14.71 -5.16 -0.26
C ASP A 252 13.42 -5.23 0.55
N ILE A 253 12.93 -6.44 0.79
CA ILE A 253 11.65 -6.65 1.45
C ILE A 253 11.65 -6.02 2.86
N ALA A 254 12.82 -5.84 3.47
CA ALA A 254 12.92 -5.28 4.80
C ALA A 254 12.62 -3.77 4.84
N GLN A 255 12.50 -3.10 3.67
CA GLN A 255 12.26 -1.65 3.64
C GLN A 255 10.76 -1.31 3.82
N VAL A 256 9.92 -2.32 4.01
CA VAL A 256 8.47 -2.18 4.10
C VAL A 256 8.02 -2.52 5.52
N ASN A 257 7.27 -1.61 6.13
CA ASN A 257 6.57 -1.80 7.42
C ASN A 257 5.06 -1.67 7.17
N LEU A 258 4.38 -2.78 6.90
CA LEU A 258 2.94 -2.73 6.70
C LEU A 258 2.29 -2.26 8.00
N LYS A 259 1.38 -1.29 7.88
CA LYS A 259 0.88 -0.61 9.06
C LYS A 259 -0.65 -0.61 9.15
N TYR A 260 -1.33 -0.42 8.01
CA TYR A 260 -2.79 -0.43 8.02
C TYR A 260 -3.33 -1.29 6.88
N LEU A 261 -4.51 -1.87 7.14
CA LEU A 261 -5.28 -2.63 6.17
CA LEU A 261 -5.27 -2.61 6.15
C LEU A 261 -6.70 -2.04 6.14
N LEU A 262 -7.20 -1.64 4.95
CA LEU A 262 -8.54 -1.08 4.81
C LEU A 262 -9.43 -2.06 4.04
N LYS A 263 -10.68 -2.20 4.50
CA LYS A 263 -11.71 -2.90 3.77
C LYS A 263 -12.51 -1.83 3.03
N LEU A 264 -12.50 -1.87 1.69
CA LEU A 264 -13.10 -0.83 0.84
C LEU A 264 -14.34 -1.37 0.13
N LYS A 265 -15.36 -0.50 0.01
CA LYS A 265 -16.50 -0.72 -0.86
C LYS A 265 -16.26 0.06 -2.15
N PHE A 266 -16.31 -0.65 -3.29
CA PHE A 266 -16.22 -0.03 -4.61
C PHE A 266 -17.65 0.21 -5.13
N ASN A 267 -17.98 1.49 -5.32
CA ASN A 267 -19.31 1.88 -5.81
C ASN A 267 -19.17 2.21 -7.30
N PHE A 268 -19.46 1.21 -8.15
CA PHE A 268 -19.30 1.36 -9.59
C PHE A 268 -20.39 2.28 -10.15
N LYS A 269 -20.00 3.11 -11.14
CA LYS A 269 -20.88 4.08 -11.81
C LYS A 269 -21.16 3.60 -13.24
#